data_6YII
#
_entry.id   6YII
#
_cell.length_a   62.400
_cell.length_b   74.680
_cell.length_c   149.680
_cell.angle_alpha   90.000
_cell.angle_beta   90.000
_cell.angle_gamma   90.000
#
_symmetry.space_group_name_H-M   'P 21 21 21'
#
loop_
_entity.id
_entity.type
_entity.pdbx_description
1 polymer 'Transcriptional regulator'
2 non-polymer "ADENOSINE-5'-TRIPHOSPHATE"
3 non-polymer 'MANGANESE (II) ION'
4 non-polymer 'CALCIUM ION'
5 non-polymer 'SULFATE ION'
6 non-polymer 'MAGNESIUM ION'
7 non-polymer 'SODIUM ION'
8 water water
#
_entity_poly.entity_id   1
_entity_poly.type   'polypeptide(L)'
_entity_poly.pdbx_seq_one_letter_code
;MSKSWNHDRAAKHIDQKIADVEEITIKDYVRDMSLESIPTSTAYRVDGVHMYADIMNLEDMLNITAVEGTECHKRTLRFL
DQHYRAVKRILNKVDARRVDFHSQRLHSLFTKPYNTESGAETKRVQRAVATAQLIIDVLAETGDDDEQIPAAKVRIGIDT
GLALAVNNGRSGYREPLFLGDPANHAAKLASNNKARGIYLTNNARKAIGLAESDEPEKSALTAIEIKACQDAAKLDVTSD
EIVEEWREDLKKNPIGGYQFSRQTPPLRDMDIYSLTPANSKRQEMVSLYADIDGFTAYVADHINEKTDDVVRTLHVIRSE
LERVVTSDFEGRRVRFIGDCVQALSCDGTAHTTDEEKSVSEATRLAGALRSSFNLAIERLNAEGIETGDLGLAIGFDLGP
IAVTRLGAKGNRVRCAIGRSVIESEKRQCACSGVETAIGQVAYDAASKAVQNLFGKSRKTSHLDYNEATEALADDGDASA
KQARSEAYAGSAAIIRADERQVQPHSRQKVDGSR
;
_entity_poly.pdbx_strand_id   A
#
# COMPACT_ATOMS: atom_id res chain seq x y z
N MET A 1 26.18 -9.16 -3.49
CA MET A 1 25.32 -10.37 -3.67
C MET A 1 25.11 -11.20 -2.39
N SER A 2 25.86 -10.90 -1.32
CA SER A 2 25.70 -11.67 -0.08
C SER A 2 24.31 -11.41 0.51
N LYS A 3 23.61 -12.49 0.89
CA LYS A 3 22.31 -12.38 1.54
C LYS A 3 22.43 -13.01 2.92
N SER A 4 22.44 -12.18 3.95
N SER A 4 22.45 -12.18 3.95
CA SER A 4 22.71 -12.67 5.29
CA SER A 4 22.69 -12.68 5.30
C SER A 4 22.16 -11.67 6.29
C SER A 4 22.14 -11.67 6.28
N TRP A 5 21.65 -12.17 7.40
CA TRP A 5 21.21 -11.35 8.52
C TRP A 5 22.17 -11.51 9.67
N ASN A 6 22.42 -10.42 10.40
CA ASN A 6 23.33 -10.45 11.53
C ASN A 6 22.74 -9.64 12.68
N HIS A 7 22.74 -10.25 13.87
CA HIS A 7 22.16 -9.62 15.04
C HIS A 7 22.87 -8.33 15.40
N ASP A 8 24.22 -8.34 15.37
CA ASP A 8 24.96 -7.13 15.73
C ASP A 8 24.67 -5.99 14.78
N ARG A 9 24.63 -6.27 13.48
CA ARG A 9 24.38 -5.22 12.50
C ARG A 9 22.96 -4.67 12.67
N ALA A 10 21.99 -5.55 12.89
CA ALA A 10 20.63 -5.10 13.11
C ALA A 10 20.53 -4.24 14.38
N ALA A 11 21.14 -4.70 15.48
CA ALA A 11 21.04 -3.96 16.74
C ALA A 11 21.67 -2.59 16.61
N LYS A 12 22.80 -2.50 15.91
CA LYS A 12 23.46 -1.22 15.73
C LYS A 12 22.57 -0.24 14.99
N HIS A 13 21.94 -0.69 13.91
N HIS A 13 21.95 -0.68 13.88
CA HIS A 13 21.09 0.22 13.14
CA HIS A 13 21.07 0.19 13.12
C HIS A 13 19.82 0.57 13.89
C HIS A 13 19.85 0.58 13.94
N ILE A 14 19.23 -0.40 14.61
CA ILE A 14 18.05 -0.11 15.44
C ILE A 14 18.39 0.95 16.50
N ASP A 15 19.54 0.77 17.18
CA ASP A 15 19.93 1.73 18.22
C ASP A 15 20.11 3.11 17.64
N GLN A 16 20.73 3.20 16.46
CA GLN A 16 20.93 4.51 15.84
C GLN A 16 19.60 5.17 15.51
N LYS A 17 18.63 4.41 15.00
N LYS A 17 18.63 4.41 14.99
CA LYS A 17 17.33 4.98 14.69
CA LYS A 17 17.32 4.97 14.67
C LYS A 17 16.60 5.42 15.95
C LYS A 17 16.57 5.39 15.93
N ILE A 18 16.70 4.63 17.02
CA ILE A 18 16.10 5.05 18.29
C ILE A 18 16.65 6.40 18.71
N ALA A 19 17.96 6.60 18.57
CA ALA A 19 18.54 7.88 18.93
C ALA A 19 17.98 9.00 18.07
N ASP A 20 17.71 8.73 16.80
CA ASP A 20 17.20 9.76 15.90
C ASP A 20 15.80 10.24 16.28
N VAL A 21 15.02 9.43 16.98
CA VAL A 21 13.66 9.84 17.30
C VAL A 21 13.50 10.13 18.78
N GLU A 22 14.59 10.54 19.43
CA GLU A 22 14.52 10.88 20.85
C GLU A 22 13.51 11.99 21.10
N GLU A 23 13.52 13.04 20.27
CA GLU A 23 12.63 14.18 20.41
C GLU A 23 11.59 14.14 19.30
N ILE A 24 10.31 14.16 19.67
CA ILE A 24 9.21 14.06 18.73
C ILE A 24 8.35 15.31 18.90
N THR A 25 7.89 15.85 17.77
CA THR A 25 6.96 16.97 17.72
C THR A 25 5.67 16.50 17.08
N ILE A 26 4.56 16.57 17.82
CA ILE A 26 3.24 16.27 17.31
C ILE A 26 2.51 17.59 17.12
N LYS A 27 1.97 17.79 15.93
CA LYS A 27 1.26 19.00 15.58
CA LYS A 27 1.26 19.00 15.58
C LYS A 27 -0.17 18.66 15.17
N ASP A 28 -1.11 19.53 15.53
CA ASP A 28 -2.49 19.38 15.08
C ASP A 28 -2.65 20.09 13.73
N TYR A 29 -3.06 19.34 12.71
CA TYR A 29 -3.09 19.88 11.36
C TYR A 29 -4.22 20.87 11.18
N VAL A 30 -3.87 22.13 10.90
CA VAL A 30 -4.79 23.21 10.68
C VAL A 30 -4.42 23.92 9.39
N ARG A 31 -5.24 24.90 9.02
N ARG A 31 -5.24 24.90 9.01
CA ARG A 31 -5.02 25.64 7.78
CA ARG A 31 -5.01 25.61 7.77
C ARG A 31 -3.62 26.25 7.76
C ARG A 31 -3.61 26.23 7.76
N ASP A 32 -3.01 26.25 6.58
CA ASP A 32 -1.72 26.89 6.30
C ASP A 32 -0.54 26.03 6.73
N MET A 33 -0.77 24.84 7.25
CA MET A 33 0.31 23.89 7.45
C MET A 33 0.50 23.06 6.19
N SER A 34 1.61 22.34 6.14
CA SER A 34 1.95 21.49 5.01
C SER A 34 2.26 20.08 5.48
N LEU A 35 1.70 19.10 4.76
CA LEU A 35 1.99 17.68 5.00
C LEU A 35 3.08 17.16 4.07
N GLU A 36 3.76 18.04 3.33
CA GLU A 36 4.83 17.63 2.44
C GLU A 36 6.15 17.62 3.20
N SER A 37 6.96 16.62 2.90
CA SER A 37 8.31 16.49 3.46
C SER A 37 8.28 16.59 4.98
N ILE A 38 7.41 15.80 5.62
CA ILE A 38 7.34 15.79 7.08
C ILE A 38 8.64 15.19 7.62
N PRO A 39 9.37 15.88 8.50
CA PRO A 39 10.61 15.30 9.04
C PRO A 39 10.36 14.07 9.88
N THR A 40 11.40 13.24 9.96
CA THR A 40 11.35 12.01 10.76
C THR A 40 10.75 12.22 12.14
N SER A 41 11.13 13.31 12.81
N SER A 41 11.14 13.30 12.82
CA SER A 41 10.77 13.51 14.20
CA SER A 41 10.74 13.46 14.21
C SER A 41 9.41 14.15 14.39
C SER A 41 9.47 14.28 14.37
N THR A 42 8.70 14.47 13.30
CA THR A 42 7.44 15.18 13.38
C THR A 42 6.28 14.32 12.87
N ALA A 43 5.09 14.51 13.44
CA ALA A 43 3.87 13.92 12.90
C ALA A 43 2.73 14.91 13.08
N TYR A 44 1.72 14.79 12.23
CA TYR A 44 0.54 15.63 12.28
C TYR A 44 -0.71 14.81 12.61
N ARG A 45 -1.49 15.30 13.56
CA ARG A 45 -2.79 14.74 13.84
C ARG A 45 -3.78 15.38 12.86
N VAL A 46 -4.36 14.55 11.98
CA VAL A 46 -5.18 15.03 10.87
C VAL A 46 -6.60 14.53 11.06
N ASP A 47 -7.56 15.46 11.06
CA ASP A 47 -8.98 15.12 11.07
C ASP A 47 -9.46 15.16 9.62
N GLY A 48 -9.78 14.00 9.06
CA GLY A 48 -10.09 13.96 7.64
C GLY A 48 -10.96 12.77 7.28
N VAL A 49 -11.46 12.83 6.04
CA VAL A 49 -12.31 11.81 5.47
C VAL A 49 -11.47 11.07 4.45
N HIS A 50 -11.38 9.77 4.61
CA HIS A 50 -10.60 8.91 3.74
C HIS A 50 -11.52 8.11 2.84
N MET A 51 -11.22 8.13 1.54
CA MET A 51 -11.96 7.35 0.55
C MET A 51 -11.01 6.35 -0.08
N TYR A 52 -11.44 5.10 -0.14
CA TYR A 52 -10.71 4.07 -0.85
C TYR A 52 -11.59 3.61 -2.00
N ALA A 53 -11.07 3.74 -3.22
CA ALA A 53 -11.78 3.26 -4.39
C ALA A 53 -11.09 2.00 -4.88
N ASP A 54 -11.84 0.91 -4.93
N ASP A 54 -11.83 0.90 -4.90
CA ASP A 54 -11.34 -0.39 -5.32
CA ASP A 54 -11.28 -0.38 -5.33
C ASP A 54 -11.81 -0.70 -6.74
C ASP A 54 -11.80 -0.70 -6.73
N ILE A 55 -10.86 -0.88 -7.65
CA ILE A 55 -11.14 -1.26 -9.03
C ILE A 55 -11.20 -2.78 -9.02
N MET A 56 -12.42 -3.29 -8.88
CA MET A 56 -12.62 -4.69 -8.52
C MET A 56 -12.20 -5.64 -9.63
N ASN A 57 -12.21 -5.17 -10.89
CA ASN A 57 -11.91 -6.04 -12.01
C ASN A 57 -10.42 -6.10 -12.38
N LEU A 58 -9.54 -5.56 -11.54
CA LEU A 58 -8.11 -5.80 -11.74
C LEU A 58 -7.81 -7.28 -11.80
N GLU A 59 -8.34 -8.07 -10.86
N GLU A 59 -8.37 -8.07 -10.87
CA GLU A 59 -7.97 -9.48 -10.86
CA GLU A 59 -8.10 -9.50 -10.86
C GLU A 59 -8.48 -10.18 -12.11
C GLU A 59 -8.52 -10.13 -12.19
N ASP A 60 -9.58 -9.70 -12.69
N ASP A 60 -9.65 -9.70 -12.74
CA ASP A 60 -10.05 -10.30 -13.95
CA ASP A 60 -10.11 -10.25 -14.01
C ASP A 60 -9.08 -10.00 -15.09
C ASP A 60 -9.09 -9.99 -15.11
N MET A 61 -8.51 -8.79 -15.13
CA MET A 61 -7.49 -8.46 -16.13
C MET A 61 -6.25 -9.35 -15.98
N LEU A 62 -5.84 -9.63 -14.75
CA LEU A 62 -4.71 -10.50 -14.49
C LEU A 62 -4.97 -11.95 -14.84
N ASN A 63 -6.24 -12.33 -15.02
CA ASN A 63 -6.61 -13.72 -15.25
C ASN A 63 -7.37 -13.94 -16.55
N ILE A 64 -7.14 -13.08 -17.53
N ILE A 64 -7.18 -13.07 -17.54
CA ILE A 64 -7.81 -13.24 -18.82
CA ILE A 64 -7.87 -13.28 -18.81
C ILE A 64 -7.50 -14.60 -19.41
C ILE A 64 -7.51 -14.63 -19.41
N THR A 65 -6.26 -15.03 -19.28
CA THR A 65 -5.81 -16.33 -19.78
C THR A 65 -5.18 -17.11 -18.64
N ALA A 66 -5.10 -18.43 -18.83
CA ALA A 66 -4.48 -19.27 -17.82
C ALA A 66 -3.04 -18.82 -17.55
N VAL A 67 -2.28 -18.58 -18.61
CA VAL A 67 -0.89 -18.15 -18.47
C VAL A 67 -0.82 -16.65 -18.24
N GLU A 68 0.00 -16.25 -17.27
CA GLU A 68 0.18 -14.84 -16.94
C GLU A 68 1.31 -14.27 -17.80
N GLY A 69 1.00 -14.01 -19.07
CA GLY A 69 2.03 -13.67 -20.03
C GLY A 69 2.23 -12.18 -20.19
N THR A 70 3.13 -11.84 -21.12
CA THR A 70 3.47 -10.45 -21.32
C THR A 70 2.27 -9.61 -21.74
N GLU A 71 1.42 -10.13 -22.64
N GLU A 71 1.44 -10.14 -22.65
CA GLU A 71 0.29 -9.32 -23.09
CA GLU A 71 0.28 -9.39 -23.12
C GLU A 71 -0.75 -9.13 -22.00
C GLU A 71 -0.70 -9.12 -21.98
N CYS A 72 -0.93 -10.12 -21.13
CA CYS A 72 -1.76 -9.95 -19.94
C CYS A 72 -1.28 -8.77 -19.11
N HIS A 73 0.02 -8.67 -18.90
CA HIS A 73 0.54 -7.56 -18.09
C HIS A 73 0.48 -6.23 -18.82
N LYS A 74 0.76 -6.20 -20.13
CA LYS A 74 0.67 -4.92 -20.83
C LYS A 74 -0.76 -4.38 -20.77
N ARG A 75 -1.75 -5.23 -20.96
CA ARG A 75 -3.13 -4.75 -20.91
CA ARG A 75 -3.12 -4.76 -20.91
C ARG A 75 -3.54 -4.39 -19.49
N THR A 76 -3.07 -5.16 -18.49
CA THR A 76 -3.40 -4.82 -17.11
C THR A 76 -2.83 -3.46 -16.75
N LEU A 77 -1.58 -3.21 -17.12
CA LEU A 77 -0.97 -1.91 -16.84
C LEU A 77 -1.71 -0.78 -17.56
N ARG A 78 -2.07 -0.97 -18.84
CA ARG A 78 -2.80 0.08 -19.55
C ARG A 78 -4.15 0.38 -18.90
N PHE A 79 -4.85 -0.68 -18.43
CA PHE A 79 -6.10 -0.53 -17.67
C PHE A 79 -5.88 0.31 -16.41
N LEU A 80 -4.89 -0.06 -15.60
CA LEU A 80 -4.65 0.72 -14.37
C LEU A 80 -4.24 2.15 -14.67
N ASP A 81 -3.46 2.33 -15.75
CA ASP A 81 -2.98 3.66 -16.12
C ASP A 81 -4.16 4.54 -16.55
N GLN A 82 -5.00 4.03 -17.45
CA GLN A 82 -6.14 4.81 -17.91
C GLN A 82 -7.04 5.22 -16.76
N HIS A 83 -7.35 4.28 -15.87
CA HIS A 83 -8.28 4.58 -14.78
C HIS A 83 -7.63 5.47 -13.72
N TYR A 84 -6.36 5.24 -13.41
CA TYR A 84 -5.65 6.12 -12.48
C TYR A 84 -5.63 7.55 -12.97
N ARG A 85 -5.33 7.74 -14.26
CA ARG A 85 -5.26 9.09 -14.80
C ARG A 85 -6.57 9.83 -14.59
N ALA A 86 -7.68 9.14 -14.80
CA ALA A 86 -8.99 9.76 -14.61
C ALA A 86 -9.22 10.13 -13.15
N VAL A 87 -8.93 9.19 -12.23
CA VAL A 87 -9.18 9.50 -10.82
C VAL A 87 -8.28 10.62 -10.35
N LYS A 88 -7.01 10.61 -10.76
CA LYS A 88 -6.11 11.66 -10.29
C LYS A 88 -6.56 13.03 -10.79
N ARG A 89 -7.08 13.08 -12.03
CA ARG A 89 -7.62 14.34 -12.54
C ARG A 89 -8.79 14.80 -11.69
N ILE A 90 -9.68 13.87 -11.30
CA ILE A 90 -10.80 14.23 -10.44
C ILE A 90 -10.31 14.79 -9.12
N LEU A 91 -9.35 14.11 -8.51
CA LEU A 91 -8.88 14.54 -7.21
C LEU A 91 -8.20 15.90 -7.29
N ASN A 92 -7.44 16.14 -8.35
CA ASN A 92 -6.87 17.47 -8.57
C ASN A 92 -7.98 18.52 -8.69
N LYS A 93 -9.05 18.20 -9.44
CA LYS A 93 -10.11 19.17 -9.69
CA LYS A 93 -10.12 19.16 -9.68
C LYS A 93 -10.82 19.57 -8.39
N VAL A 94 -11.04 18.60 -7.49
CA VAL A 94 -11.75 18.87 -6.23
C VAL A 94 -10.78 19.24 -5.12
N ASP A 95 -9.49 19.31 -5.43
CA ASP A 95 -8.45 19.70 -4.47
C ASP A 95 -8.37 18.74 -3.29
N ALA A 96 -8.53 17.45 -3.57
CA ALA A 96 -8.30 16.40 -2.58
C ALA A 96 -6.91 15.80 -2.81
N ARG A 97 -6.43 15.08 -1.81
CA ARG A 97 -5.11 14.46 -1.85
C ARG A 97 -5.20 13.01 -2.33
N ARG A 98 -4.37 12.65 -3.29
CA ARG A 98 -4.17 11.25 -3.65
C ARG A 98 -3.07 10.71 -2.74
N VAL A 99 -3.43 9.84 -1.81
CA VAL A 99 -2.43 9.30 -0.88
C VAL A 99 -1.57 8.24 -1.56
N ASP A 100 -2.19 7.27 -2.22
CA ASP A 100 -1.46 6.24 -2.94
C ASP A 100 -2.44 5.47 -3.82
N PHE A 101 -1.87 4.66 -4.71
CA PHE A 101 -2.63 3.70 -5.52
C PHE A 101 -1.90 2.39 -5.36
N HIS A 102 -2.44 1.53 -4.50
CA HIS A 102 -1.80 0.27 -4.12
C HIS A 102 -2.58 -0.88 -4.75
N SER A 103 -1.98 -1.55 -5.71
CA SER A 103 -2.63 -2.60 -6.48
C SER A 103 -3.87 -2.01 -7.14
N GLN A 104 -5.06 -2.40 -6.71
CA GLN A 104 -6.28 -1.87 -7.31
C GLN A 104 -6.98 -0.88 -6.41
N ARG A 105 -6.35 -0.45 -5.32
N ARG A 105 -6.33 -0.41 -5.35
CA ARG A 105 -6.99 0.35 -4.28
CA ARG A 105 -6.99 0.35 -4.29
C ARG A 105 -6.41 1.75 -4.26
C ARG A 105 -6.41 1.77 -4.21
N LEU A 106 -7.23 2.74 -4.56
CA LEU A 106 -6.82 4.13 -4.66
C LEU A 106 -7.35 4.93 -3.46
N HIS A 107 -6.43 5.43 -2.66
CA HIS A 107 -6.73 6.09 -1.39
C HIS A 107 -6.62 7.59 -1.56
N SER A 108 -7.71 8.31 -1.24
CA SER A 108 -7.72 9.77 -1.24
C SER A 108 -8.18 10.30 0.10
N LEU A 109 -7.85 11.58 0.33
CA LEU A 109 -8.05 12.22 1.62
C LEU A 109 -8.65 13.61 1.44
N PHE A 110 -9.70 13.88 2.22
CA PHE A 110 -10.44 15.14 2.21
C PHE A 110 -10.27 15.80 3.57
N THR A 111 -9.57 16.92 3.62
CA THR A 111 -9.32 17.62 4.88
C THR A 111 -10.00 18.98 4.96
N LYS A 112 -10.66 19.43 3.88
CA LYS A 112 -11.28 20.74 3.84
C LYS A 112 -12.78 20.60 3.57
N PRO A 113 -13.62 21.45 4.18
CA PRO A 113 -13.24 22.55 5.08
C PRO A 113 -12.65 22.09 6.43
N TYR A 114 -11.90 22.98 7.06
CA TYR A 114 -11.31 22.70 8.36
C TYR A 114 -12.34 22.90 9.48
N ASN A 115 -12.04 22.33 10.64
CA ASN A 115 -12.96 22.32 11.77
C ASN A 115 -13.28 23.70 12.31
N THR A 116 -12.58 24.75 11.87
CA THR A 116 -12.99 26.11 12.23
C THR A 116 -14.37 26.45 11.68
N GLU A 117 -14.83 25.70 10.67
CA GLU A 117 -16.09 25.95 10.01
C GLU A 117 -17.16 25.06 10.64
N SER A 118 -18.32 25.66 10.93
CA SER A 118 -19.42 24.90 11.49
C SER A 118 -19.79 23.74 10.57
N GLY A 119 -20.00 22.57 11.15
CA GLY A 119 -20.37 21.39 10.40
C GLY A 119 -19.31 20.92 9.42
N ALA A 120 -18.03 21.15 9.73
CA ALA A 120 -16.98 20.85 8.77
C ALA A 120 -16.93 19.36 8.44
N GLU A 121 -17.05 18.50 9.45
CA GLU A 121 -16.91 17.06 9.19
C GLU A 121 -18.02 16.56 8.28
N THR A 122 -19.25 17.02 8.49
CA THR A 122 -20.34 16.68 7.59
C THR A 122 -20.02 17.08 6.16
N LYS A 123 -19.51 18.31 5.98
CA LYS A 123 -19.18 18.78 4.64
C LYS A 123 -18.06 17.98 4.02
N ARG A 124 -17.06 17.57 4.80
CA ARG A 124 -15.98 16.74 4.26
C ARG A 124 -16.53 15.41 3.76
N VAL A 125 -17.41 14.77 4.54
CA VAL A 125 -18.01 13.51 4.11
C VAL A 125 -18.84 13.72 2.85
N GLN A 126 -19.68 14.77 2.83
CA GLN A 126 -20.47 15.04 1.64
C GLN A 126 -19.58 15.22 0.40
N ARG A 127 -18.47 15.95 0.52
CA ARG A 127 -17.57 16.14 -0.60
C ARG A 127 -16.98 14.80 -1.05
N ALA A 128 -16.59 13.97 -0.09
CA ALA A 128 -16.05 12.65 -0.41
C ALA A 128 -17.08 11.79 -1.14
N VAL A 129 -18.33 11.81 -0.70
CA VAL A 129 -19.36 11.02 -1.38
C VAL A 129 -19.58 11.54 -2.80
N ALA A 130 -19.72 12.85 -2.94
CA ALA A 130 -19.91 13.42 -4.27
C ALA A 130 -18.75 13.08 -5.20
N THR A 131 -17.51 13.16 -4.67
CA THR A 131 -16.36 12.81 -5.49
C THR A 131 -16.35 11.32 -5.82
N ALA A 132 -16.77 10.48 -4.87
CA ALA A 132 -16.86 9.06 -5.14
C ALA A 132 -17.81 8.76 -6.28
N GLN A 133 -18.97 9.42 -6.33
CA GLN A 133 -19.89 9.13 -7.42
C GLN A 133 -19.36 9.68 -8.73
N LEU A 134 -18.62 10.79 -8.69
CA LEU A 134 -18.00 11.28 -9.90
C LEU A 134 -16.97 10.27 -10.42
N ILE A 135 -16.20 9.65 -9.52
CA ILE A 135 -15.28 8.58 -9.92
C ILE A 135 -16.04 7.44 -10.60
N ILE A 136 -17.12 6.97 -9.97
CA ILE A 136 -17.91 5.88 -10.54
C ILE A 136 -18.43 6.25 -11.93
N ASP A 137 -18.99 7.44 -12.07
CA ASP A 137 -19.54 7.87 -13.35
C ASP A 137 -18.47 7.92 -14.42
N VAL A 138 -17.30 8.48 -14.08
CA VAL A 138 -16.24 8.66 -15.06
C VAL A 138 -15.63 7.32 -15.47
N LEU A 139 -15.38 6.43 -14.50
CA LEU A 139 -14.66 5.20 -14.79
C LEU A 139 -15.48 4.21 -15.58
N ALA A 140 -16.79 4.45 -15.74
CA ALA A 140 -17.56 3.71 -16.72
C ALA A 140 -17.14 4.07 -18.15
N GLU A 141 -16.49 5.20 -18.34
CA GLU A 141 -16.22 5.76 -19.67
C GLU A 141 -14.74 5.75 -20.03
N THR A 142 -13.86 5.26 -19.15
CA THR A 142 -12.42 5.38 -19.37
C THR A 142 -11.74 4.08 -19.77
N GLY A 143 -12.52 3.10 -20.24
CA GLY A 143 -11.96 1.98 -20.96
C GLY A 143 -11.55 2.38 -22.37
N ASP A 144 -11.15 1.38 -23.14
CA ASP A 144 -10.80 1.58 -24.55
C ASP A 144 -11.08 0.27 -25.28
N ASP A 145 -12.22 0.19 -25.98
CA ASP A 145 -12.58 -1.05 -26.65
C ASP A 145 -11.53 -1.44 -27.69
N ASP A 146 -10.98 -0.45 -28.41
CA ASP A 146 -10.01 -0.75 -29.46
C ASP A 146 -8.76 -1.42 -28.90
N GLU A 147 -8.38 -1.12 -27.66
CA GLU A 147 -7.23 -1.74 -27.01
C GLU A 147 -7.64 -2.87 -26.07
N GLN A 148 -8.92 -3.27 -26.10
CA GLN A 148 -9.42 -4.35 -25.25
C GLN A 148 -9.26 -3.99 -23.78
N ILE A 149 -9.53 -2.74 -23.43
CA ILE A 149 -9.39 -2.28 -22.05
C ILE A 149 -10.79 -2.03 -21.50
N PRO A 150 -11.25 -2.78 -20.51
CA PRO A 150 -12.62 -2.58 -20.01
C PRO A 150 -12.73 -1.36 -19.11
N ALA A 151 -13.96 -0.88 -19.00
CA ALA A 151 -14.32 0.08 -17.96
C ALA A 151 -14.03 -0.53 -16.58
N ALA A 152 -13.85 0.34 -15.60
CA ALA A 152 -13.57 -0.10 -14.24
C ALA A 152 -14.87 -0.31 -13.47
N LYS A 153 -14.92 -1.43 -12.73
CA LYS A 153 -16.03 -1.75 -11.83
C LYS A 153 -15.61 -1.32 -10.44
N VAL A 154 -16.33 -0.38 -9.85
CA VAL A 154 -15.83 0.38 -8.69
C VAL A 154 -16.64 0.09 -7.42
N ARG A 155 -15.92 -0.18 -6.35
CA ARG A 155 -16.50 -0.23 -5.02
C ARG A 155 -15.72 0.74 -4.13
N ILE A 156 -16.43 1.58 -3.40
CA ILE A 156 -15.80 2.64 -2.61
C ILE A 156 -16.16 2.48 -1.13
N GLY A 157 -15.16 2.69 -0.29
CA GLY A 157 -15.35 2.77 1.15
C GLY A 157 -14.93 4.14 1.65
N ILE A 158 -15.68 4.68 2.61
CA ILE A 158 -15.42 6.00 3.18
C ILE A 158 -15.49 5.92 4.71
N ASP A 159 -14.50 6.50 5.39
CA ASP A 159 -14.52 6.66 6.83
C ASP A 159 -14.05 8.06 7.18
N THR A 160 -14.38 8.49 8.40
CA THR A 160 -13.97 9.78 8.90
C THR A 160 -13.39 9.61 10.28
N GLY A 161 -12.30 10.31 10.56
CA GLY A 161 -11.71 10.24 11.88
C GLY A 161 -10.31 10.81 11.87
N LEU A 162 -9.58 10.50 12.95
CA LEU A 162 -8.24 11.03 13.15
C LEU A 162 -7.19 10.04 12.67
N ALA A 163 -6.14 10.58 12.08
CA ALA A 163 -5.01 9.79 11.61
C ALA A 163 -3.74 10.57 11.92
N LEU A 164 -2.62 9.86 11.89
N LEU A 164 -2.62 9.85 11.95
CA LEU A 164 -1.32 10.44 12.16
CA LEU A 164 -1.30 10.44 12.15
C LEU A 164 -0.51 10.44 10.86
C LEU A 164 -0.56 10.45 10.84
N ALA A 165 -0.17 11.63 10.39
CA ALA A 165 0.57 11.80 9.14
C ALA A 165 2.06 11.83 9.40
N VAL A 166 2.78 10.99 8.66
CA VAL A 166 4.24 10.95 8.61
C VAL A 166 4.62 10.83 7.14
N ASN A 167 5.90 11.06 6.83
CA ASN A 167 6.29 10.89 5.42
C ASN A 167 6.19 9.43 5.00
N ASN A 168 5.99 9.22 3.70
CA ASN A 168 5.69 7.88 3.19
C ASN A 168 6.93 7.02 2.95
N GLY A 169 8.09 7.49 3.35
CA GLY A 169 9.28 6.65 3.37
C GLY A 169 9.90 6.35 2.03
N ARG A 170 9.43 6.97 0.93
CA ARG A 170 9.96 6.69 -0.41
C ARG A 170 10.09 7.98 -1.22
N SER A 171 10.74 7.88 -2.37
N SER A 171 10.77 7.86 -2.36
CA SER A 171 10.74 8.96 -3.36
CA SER A 171 10.78 8.90 -3.37
C SER A 171 11.10 10.31 -2.77
C SER A 171 11.11 10.28 -2.78
N GLY A 172 12.19 10.33 -2.01
CA GLY A 172 12.62 11.60 -1.44
C GLY A 172 11.87 12.05 -0.20
N TYR A 173 10.99 11.20 0.33
CA TYR A 173 10.31 11.41 1.61
C TYR A 173 9.35 12.60 1.56
N ARG A 174 8.80 12.89 0.38
N ARG A 174 8.78 12.86 0.38
CA ARG A 174 7.97 14.07 0.17
CA ARG A 174 7.98 14.05 0.11
C ARG A 174 6.51 13.84 0.54
C ARG A 174 6.52 13.84 0.52
N GLU A 175 5.89 12.82 -0.02
CA GLU A 175 4.46 12.68 0.20
C GLU A 175 4.16 11.97 1.52
N PRO A 176 3.05 12.31 2.17
CA PRO A 176 2.68 11.68 3.44
C PRO A 176 1.91 10.39 3.27
N LEU A 177 1.87 9.63 4.37
CA LEU A 177 0.88 8.58 4.57
C LEU A 177 0.23 8.79 5.94
N PHE A 178 -0.88 8.08 6.18
CA PHE A 178 -1.80 8.44 7.26
C PHE A 178 -2.14 7.20 8.08
N LEU A 179 -1.57 7.11 9.28
CA LEU A 179 -1.69 5.95 10.13
C LEU A 179 -2.92 6.06 11.03
N GLY A 180 -3.56 4.92 11.28
CA GLY A 180 -4.70 4.86 12.18
C GLY A 180 -5.96 4.36 11.51
N ASP A 181 -7.08 4.54 12.21
CA ASP A 181 -8.34 3.90 11.82
C ASP A 181 -8.88 4.24 10.44
N PRO A 182 -9.00 5.51 10.05
CA PRO A 182 -9.92 5.81 8.94
C PRO A 182 -9.48 5.25 7.60
N ALA A 183 -8.18 5.30 7.25
CA ALA A 183 -7.78 4.72 5.97
C ALA A 183 -7.99 3.21 5.98
N ASN A 184 -7.69 2.58 7.11
CA ASN A 184 -7.82 1.12 7.24
C ASN A 184 -9.28 0.71 7.11
N HIS A 185 -10.16 1.36 7.86
CA HIS A 185 -11.54 0.96 7.84
C HIS A 185 -12.21 1.30 6.52
N ALA A 186 -11.83 2.41 5.87
CA ALA A 186 -12.34 2.70 4.53
C ALA A 186 -11.92 1.60 3.54
N ALA A 187 -10.65 1.18 3.59
CA ALA A 187 -10.19 0.12 2.70
C ALA A 187 -10.92 -1.19 2.94
N LYS A 188 -11.17 -1.53 4.21
CA LYS A 188 -11.90 -2.78 4.47
C LYS A 188 -13.29 -2.75 3.85
N LEU A 189 -13.98 -1.61 3.95
CA LEU A 189 -15.29 -1.52 3.33
C LEU A 189 -15.19 -1.66 1.82
N ALA A 190 -14.16 -1.05 1.23
CA ALA A 190 -14.03 -1.04 -0.22
C ALA A 190 -13.73 -2.42 -0.78
N SER A 191 -13.09 -3.28 0.01
CA SER A 191 -12.65 -4.57 -0.48
C SER A 191 -13.47 -5.73 0.07
N ASN A 192 -14.54 -5.45 0.84
CA ASN A 192 -15.21 -6.49 1.60
C ASN A 192 -15.82 -7.57 0.71
N ASN A 193 -16.48 -7.16 -0.37
CA ASN A 193 -17.09 -8.10 -1.30
C ASN A 193 -17.22 -7.39 -2.64
N LYS A 194 -17.83 -8.10 -3.61
CA LYS A 194 -17.77 -7.66 -5.00
C LYS A 194 -18.95 -6.77 -5.42
N ALA A 195 -19.85 -6.42 -4.53
CA ALA A 195 -20.94 -5.53 -4.91
C ALA A 195 -20.45 -4.11 -5.11
N ARG A 196 -20.81 -3.52 -6.25
CA ARG A 196 -20.47 -2.13 -6.53
C ARG A 196 -21.18 -1.20 -5.55
N GLY A 197 -20.68 0.02 -5.46
CA GLY A 197 -21.40 1.10 -4.79
C GLY A 197 -20.51 1.87 -3.83
N ILE A 198 -21.13 2.73 -3.03
CA ILE A 198 -20.44 3.59 -2.07
C ILE A 198 -20.88 3.16 -0.67
N TYR A 199 -19.91 2.80 0.17
CA TYR A 199 -20.16 2.21 1.49
C TYR A 199 -19.47 3.06 2.53
N LEU A 200 -20.23 3.54 3.52
CA LEU A 200 -19.70 4.36 4.60
C LEU A 200 -19.68 3.61 5.91
N THR A 201 -18.65 3.89 6.71
CA THR A 201 -18.67 3.43 8.09
C THR A 201 -19.81 4.10 8.85
N ASN A 202 -20.12 3.56 10.03
CA ASN A 202 -21.12 4.21 10.86
C ASN A 202 -20.67 5.60 11.30
N ASN A 203 -19.38 5.82 11.53
CA ASN A 203 -18.89 7.18 11.78
C ASN A 203 -19.31 8.12 10.66
N ALA A 204 -19.06 7.70 9.41
CA ALA A 204 -19.35 8.56 8.26
C ALA A 204 -20.86 8.71 8.06
N ARG A 205 -21.62 7.64 8.26
N ARG A 205 -21.62 7.63 8.25
CA ARG A 205 -23.07 7.74 8.13
CA ARG A 205 -23.08 7.73 8.14
C ARG A 205 -23.63 8.73 9.15
C ARG A 205 -23.61 8.75 9.14
N LYS A 206 -23.17 8.64 10.40
CA LYS A 206 -23.66 9.56 11.44
C LYS A 206 -23.33 11.01 11.07
N ALA A 207 -22.16 11.23 10.47
CA ALA A 207 -21.74 12.60 10.14
C ALA A 207 -22.66 13.25 9.10
N ILE A 208 -23.33 12.46 8.25
CA ILE A 208 -24.25 13.01 7.26
C ILE A 208 -25.71 12.66 7.59
N GLY A 209 -25.98 12.33 8.85
CA GLY A 209 -27.36 12.24 9.32
C GLY A 209 -28.08 10.98 8.90
N LEU A 210 -27.35 9.93 8.54
CA LEU A 210 -27.97 8.68 8.13
C LEU A 210 -27.96 7.70 9.30
N ALA A 211 -28.95 6.83 9.34
CA ALA A 211 -29.02 5.82 10.39
C ALA A 211 -27.82 4.89 10.31
N GLU A 212 -27.35 4.46 11.48
CA GLU A 212 -26.29 3.48 11.52
C GLU A 212 -26.81 2.14 11.03
N SER A 213 -25.87 1.32 10.57
CA SER A 213 -26.16 0.01 10.01
C SER A 213 -25.48 -1.07 10.84
N ASP A 214 -26.19 -2.19 11.03
CA ASP A 214 -25.59 -3.34 11.69
C ASP A 214 -24.49 -3.96 10.85
N GLU A 215 -24.55 -3.78 9.54
CA GLU A 215 -23.54 -4.31 8.62
C GLU A 215 -23.28 -3.27 7.55
N PRO A 216 -22.48 -2.25 7.87
CA PRO A 216 -22.23 -1.17 6.90
C PRO A 216 -21.73 -1.66 5.56
N GLU A 217 -20.98 -2.76 5.55
CA GLU A 217 -20.41 -3.29 4.31
C GLU A 217 -21.48 -3.84 3.37
N LYS A 218 -22.71 -3.99 3.85
CA LYS A 218 -23.80 -4.47 3.01
C LYS A 218 -24.83 -3.39 2.73
N SER A 219 -24.56 -2.14 3.12
CA SER A 219 -25.53 -1.05 3.04
C SER A 219 -24.98 0.05 2.14
N ALA A 220 -25.12 -0.13 0.83
CA ALA A 220 -24.68 0.91 -0.08
C ALA A 220 -25.54 2.16 0.06
N LEU A 221 -24.94 3.34 -0.14
CA LEU A 221 -25.75 4.55 -0.22
C LEU A 221 -26.71 4.45 -1.40
N THR A 222 -27.95 4.93 -1.20
CA THR A 222 -28.93 4.96 -2.28
C THR A 222 -28.67 6.18 -3.18
N ALA A 223 -29.26 6.14 -4.38
CA ALA A 223 -29.17 7.29 -5.28
C ALA A 223 -29.64 8.56 -4.59
N ILE A 224 -30.74 8.47 -3.83
CA ILE A 224 -31.27 9.64 -3.14
C ILE A 224 -30.27 10.17 -2.11
N GLU A 225 -29.65 9.26 -1.36
CA GLU A 225 -28.66 9.68 -0.37
C GLU A 225 -27.44 10.32 -1.05
N ILE A 226 -27.01 9.75 -2.17
CA ILE A 226 -25.86 10.30 -2.87
C ILE A 226 -26.20 11.68 -3.42
N LYS A 227 -27.41 11.82 -3.97
CA LYS A 227 -27.82 13.09 -4.54
C LYS A 227 -27.85 14.19 -3.49
N ALA A 228 -28.27 13.86 -2.26
CA ALA A 228 -28.20 14.84 -1.19
C ALA A 228 -26.77 15.31 -0.96
N CYS A 229 -25.80 14.39 -0.98
CA CYS A 229 -24.41 14.78 -0.84
C CYS A 229 -23.94 15.62 -2.03
N GLN A 230 -24.32 15.24 -3.25
CA GLN A 230 -23.95 16.02 -4.43
C GLN A 230 -24.50 17.43 -4.35
N ASP A 231 -25.77 17.55 -3.98
CA ASP A 231 -26.39 18.88 -3.91
C ASP A 231 -25.74 19.75 -2.84
N ALA A 232 -25.29 19.14 -1.75
CA ALA A 232 -24.63 19.93 -0.71
C ALA A 232 -23.20 20.28 -1.09
N ALA A 233 -22.48 19.34 -1.70
CA ALA A 233 -21.04 19.56 -1.94
C ALA A 233 -20.79 20.55 -3.07
N LYS A 234 -21.68 20.59 -4.07
CA LYS A 234 -21.57 21.52 -5.20
C LYS A 234 -20.18 21.48 -5.83
N LEU A 235 -19.77 20.29 -6.24
CA LEU A 235 -18.44 20.15 -6.84
C LEU A 235 -18.27 21.02 -8.07
N ASP A 236 -19.33 21.22 -8.83
CA ASP A 236 -19.23 22.02 -10.06
C ASP A 236 -18.13 21.51 -11.00
N VAL A 237 -18.01 20.19 -11.07
CA VAL A 237 -17.21 19.47 -12.05
C VAL A 237 -18.11 18.35 -12.54
N THR A 238 -18.22 18.18 -13.85
CA THR A 238 -19.06 17.14 -14.39
C THR A 238 -18.24 15.96 -14.92
N SER A 239 -18.90 14.81 -15.02
CA SER A 239 -18.22 13.65 -15.58
C SER A 239 -17.80 13.91 -17.02
N ASP A 240 -18.63 14.62 -17.80
CA ASP A 240 -18.23 14.86 -19.17
C ASP A 240 -16.99 15.76 -19.27
N GLU A 241 -16.90 16.77 -18.39
CA GLU A 241 -15.68 17.59 -18.35
C GLU A 241 -14.46 16.73 -18.06
N ILE A 242 -14.54 15.84 -17.06
CA ILE A 242 -13.41 14.97 -16.76
C ILE A 242 -13.04 14.12 -17.98
N VAL A 243 -14.03 13.47 -18.58
CA VAL A 243 -13.74 12.56 -19.68
C VAL A 243 -13.10 13.32 -20.85
N GLU A 244 -13.64 14.50 -21.20
N GLU A 244 -13.61 14.51 -21.18
CA GLU A 244 -13.05 15.26 -22.30
CA GLU A 244 -13.05 15.24 -22.31
C GLU A 244 -11.59 15.56 -22.01
C GLU A 244 -11.60 15.62 -22.03
N GLU A 245 -11.30 16.03 -20.79
CA GLU A 245 -9.92 16.38 -20.44
C GLU A 245 -9.04 15.14 -20.43
N TRP A 246 -9.57 14.04 -19.92
CA TRP A 246 -8.83 12.77 -19.90
C TRP A 246 -8.48 12.32 -21.31
N ARG A 247 -9.43 12.44 -22.25
N ARG A 247 -9.44 12.44 -22.25
CA ARG A 247 -9.17 12.08 -23.64
CA ARG A 247 -9.17 12.08 -23.64
C ARG A 247 -8.12 12.99 -24.27
C ARG A 247 -8.10 12.98 -24.24
N GLU A 248 -8.21 14.30 -23.99
CA GLU A 248 -7.25 15.24 -24.56
C GLU A 248 -5.86 14.96 -24.04
N ASP A 249 -5.74 14.69 -22.75
N ASP A 249 -5.76 14.66 -22.74
CA ASP A 249 -4.44 14.33 -22.19
CA ASP A 249 -4.46 14.33 -22.17
C ASP A 249 -3.85 13.14 -22.93
C ASP A 249 -3.85 13.12 -22.87
N LEU A 250 -4.65 12.08 -23.12
CA LEU A 250 -4.12 10.89 -23.78
C LEU A 250 -3.80 11.12 -25.25
N LYS A 251 -4.51 12.03 -25.92
CA LYS A 251 -4.24 12.28 -27.33
C LYS A 251 -2.95 13.05 -27.50
N LYS A 252 -2.72 14.05 -26.66
CA LYS A 252 -1.55 14.90 -26.83
C LYS A 252 -0.29 14.16 -26.38
N ASN A 253 -0.40 13.36 -25.33
CA ASN A 253 0.74 12.66 -24.74
C ASN A 253 0.34 11.24 -24.40
N PRO A 254 0.30 10.37 -25.41
CA PRO A 254 -0.25 9.03 -25.20
C PRO A 254 0.57 8.22 -24.23
N ILE A 255 -0.07 7.20 -23.69
CA ILE A 255 0.63 6.21 -22.90
C ILE A 255 1.78 5.61 -23.71
N GLY A 256 1.54 5.33 -24.99
CA GLY A 256 2.53 4.63 -25.78
C GLY A 256 2.53 3.16 -25.41
N GLY A 257 3.56 2.46 -25.86
CA GLY A 257 3.67 1.05 -25.57
C GLY A 257 4.34 0.76 -24.24
N TYR A 258 3.88 -0.29 -23.57
CA TYR A 258 4.64 -0.82 -22.45
C TYR A 258 5.73 -1.75 -22.98
N GLN A 259 6.93 -1.56 -22.48
CA GLN A 259 8.05 -2.40 -22.87
C GLN A 259 8.80 -2.85 -21.62
N PHE A 260 9.15 -4.12 -21.59
CA PHE A 260 9.71 -4.75 -20.41
C PHE A 260 11.17 -5.14 -20.61
N SER A 261 11.96 -4.97 -19.55
CA SER A 261 13.28 -5.59 -19.45
C SER A 261 13.44 -6.12 -18.04
N ARG A 262 14.34 -7.09 -17.88
CA ARG A 262 14.68 -7.57 -16.55
C ARG A 262 15.52 -6.54 -15.81
N GLN A 263 15.49 -6.64 -14.48
CA GLN A 263 16.36 -5.82 -13.64
C GLN A 263 17.71 -6.51 -13.50
N THR A 264 18.79 -5.83 -13.91
CA THR A 264 20.13 -6.37 -13.68
C THR A 264 20.32 -6.59 -12.19
N PRO A 265 20.75 -7.78 -11.75
CA PRO A 265 20.92 -8.01 -10.32
C PRO A 265 21.98 -7.08 -9.75
N PRO A 266 21.84 -6.69 -8.48
CA PRO A 266 20.78 -7.06 -7.55
C PRO A 266 19.53 -6.20 -7.69
N LEU A 267 18.41 -6.77 -7.26
CA LEU A 267 17.12 -6.11 -7.40
C LEU A 267 17.08 -4.78 -6.64
N ARG A 268 17.84 -4.63 -5.56
CA ARG A 268 17.88 -3.36 -4.87
C ARG A 268 18.25 -2.18 -5.77
N ASP A 269 18.94 -2.45 -6.88
CA ASP A 269 19.34 -1.38 -7.78
C ASP A 269 18.23 -0.88 -8.68
N MET A 270 17.04 -1.49 -8.63
CA MET A 270 15.95 -1.02 -9.47
C MET A 270 15.66 0.44 -9.16
N ASP A 271 15.63 1.26 -10.20
CA ASP A 271 15.38 2.69 -10.04
C ASP A 271 13.92 2.94 -10.35
N ILE A 272 13.06 2.65 -9.36
CA ILE A 272 11.62 2.72 -9.58
C ILE A 272 11.21 4.13 -9.97
N TYR A 273 11.75 5.14 -9.30
CA TYR A 273 11.32 6.50 -9.55
C TYR A 273 11.52 6.92 -11.01
N SER A 274 12.44 6.27 -11.73
CA SER A 274 12.74 6.61 -13.12
C SER A 274 11.96 5.79 -14.14
N LEU A 275 11.19 4.80 -13.71
CA LEU A 275 10.53 3.91 -14.66
C LEU A 275 9.38 4.62 -15.34
N THR A 276 9.07 4.16 -16.56
CA THR A 276 8.01 4.68 -17.41
C THR A 276 7.42 3.51 -18.17
N PRO A 277 6.27 3.68 -18.81
CA PRO A 277 5.73 2.56 -19.60
C PRO A 277 6.75 1.94 -20.56
N ALA A 278 7.48 2.78 -21.32
CA ALA A 278 8.43 2.25 -22.30
C ALA A 278 9.66 1.65 -21.64
N ASN A 279 9.90 1.97 -20.37
CA ASN A 279 11.02 1.43 -19.58
C ASN A 279 10.41 0.84 -18.31
N SER A 280 9.69 -0.27 -18.45
CA SER A 280 9.14 -1.00 -17.32
C SER A 280 10.02 -2.22 -17.03
N LYS A 281 10.00 -2.69 -15.77
CA LYS A 281 10.79 -3.85 -15.39
C LYS A 281 9.85 -5.04 -15.21
N ARG A 282 10.29 -6.23 -15.59
CA ARG A 282 9.44 -7.40 -15.42
C ARG A 282 10.32 -8.64 -15.38
N GLN A 283 10.01 -9.54 -14.44
CA GLN A 283 10.62 -10.85 -14.37
C GLN A 283 9.85 -11.65 -13.33
N GLU A 284 10.02 -12.97 -13.39
N GLU A 284 10.03 -12.97 -13.39
CA GLU A 284 9.53 -13.82 -12.30
CA GLU A 284 9.60 -13.83 -12.29
C GLU A 284 10.33 -13.50 -11.04
C GLU A 284 10.36 -13.44 -11.04
N MET A 285 9.64 -13.18 -9.97
CA MET A 285 10.29 -12.86 -8.70
C MET A 285 9.30 -13.06 -7.56
N VAL A 286 9.75 -12.81 -6.34
CA VAL A 286 8.92 -12.99 -5.15
C VAL A 286 8.38 -11.66 -4.69
N SER A 287 7.07 -11.59 -4.49
CA SER A 287 6.43 -10.48 -3.78
C SER A 287 6.28 -10.87 -2.32
N LEU A 288 6.63 -9.93 -1.43
CA LEU A 288 6.57 -10.18 0.01
C LEU A 288 5.93 -8.98 0.68
N TYR A 289 4.95 -9.23 1.54
CA TYR A 289 4.37 -8.21 2.41
C TYR A 289 4.72 -8.53 3.86
N ALA A 290 5.15 -7.51 4.58
CA ALA A 290 5.43 -7.63 6.01
C ALA A 290 4.61 -6.55 6.70
N ASP A 291 3.56 -6.98 7.37
CA ASP A 291 2.54 -6.11 7.95
C ASP A 291 2.77 -6.03 9.45
N ILE A 292 2.87 -4.81 9.99
CA ILE A 292 2.91 -4.67 11.44
C ILE A 292 1.48 -4.91 11.97
N ASP A 293 1.29 -6.08 12.57
CA ASP A 293 -0.01 -6.52 13.05
C ASP A 293 -0.33 -5.83 14.36
N GLY A 294 -1.56 -5.31 14.48
CA GLY A 294 -1.97 -4.57 15.65
C GLY A 294 -1.60 -3.11 15.60
N PHE A 295 -0.92 -2.66 14.53
CA PHE A 295 -0.42 -1.29 14.52
C PHE A 295 -1.57 -0.27 14.39
N THR A 296 -2.56 -0.56 13.54
CA THR A 296 -3.66 0.38 13.41
C THR A 296 -4.33 0.65 14.76
N ALA A 297 -4.61 -0.43 15.52
CA ALA A 297 -5.24 -0.27 16.84
C ALA A 297 -4.33 0.44 17.82
N TYR A 298 -3.03 0.16 17.74
CA TYR A 298 -2.05 0.86 18.56
C TYR A 298 -2.07 2.36 18.30
N VAL A 299 -2.15 2.75 17.02
CA VAL A 299 -2.28 4.18 16.71
C VAL A 299 -3.57 4.72 17.30
N ALA A 300 -4.68 4.03 17.07
CA ALA A 300 -5.96 4.46 17.61
C ALA A 300 -5.91 4.64 19.12
N ASP A 301 -5.31 3.67 19.84
CA ASP A 301 -5.19 3.78 21.30
C ASP A 301 -4.42 5.04 21.70
N HIS A 302 -3.45 5.45 20.88
CA HIS A 302 -2.51 6.51 21.18
C HIS A 302 -2.75 7.78 20.36
N ILE A 303 -3.92 7.94 19.75
CA ILE A 303 -4.06 9.05 18.83
C ILE A 303 -4.02 10.38 19.55
N ASN A 304 -4.42 10.41 20.83
CA ASN A 304 -4.36 11.64 21.60
C ASN A 304 -3.37 11.59 22.75
N GLU A 305 -3.15 10.44 23.36
CA GLU A 305 -2.25 10.34 24.50
C GLU A 305 -1.06 9.46 24.16
N LYS A 306 0.13 9.90 24.58
CA LYS A 306 1.37 9.18 24.33
C LYS A 306 1.56 8.96 22.84
N THR A 307 1.17 9.96 22.06
CA THR A 307 1.26 9.81 20.61
C THR A 307 2.71 9.76 20.14
N ASP A 308 3.63 10.36 20.89
N ASP A 308 3.61 10.39 20.90
CA ASP A 308 5.01 10.43 20.41
CA ASP A 308 5.02 10.45 20.51
C ASP A 308 5.64 9.04 20.29
C ASP A 308 5.60 9.06 20.27
N ASP A 309 5.31 8.10 21.18
CA ASP A 309 5.88 6.76 21.06
C ASP A 309 5.44 6.06 19.78
N VAL A 310 4.27 6.38 19.25
CA VAL A 310 3.86 5.79 17.96
C VAL A 310 4.85 6.19 16.88
N VAL A 311 5.24 7.44 16.86
CA VAL A 311 6.14 7.92 15.81
C VAL A 311 7.49 7.25 15.93
N ARG A 312 8.01 7.13 17.16
CA ARG A 312 9.28 6.46 17.39
C ARG A 312 9.21 5.02 16.91
N THR A 313 8.17 4.29 17.31
CA THR A 313 8.03 2.89 16.98
C THR A 313 7.95 2.68 15.48
N LEU A 314 7.13 3.48 14.80
CA LEU A 314 6.96 3.34 13.36
C LEU A 314 8.29 3.52 12.65
N HIS A 315 9.01 4.59 12.97
N HIS A 315 9.00 4.62 12.97
CA HIS A 315 10.23 4.85 12.21
CA HIS A 315 10.26 4.90 12.30
C HIS A 315 11.32 3.82 12.52
C HIS A 315 11.26 3.79 12.52
N VAL A 316 11.43 3.36 13.77
CA VAL A 316 12.44 2.36 14.07
C VAL A 316 12.13 1.05 13.36
N ILE A 317 10.88 0.58 13.46
CA ILE A 317 10.55 -0.71 12.83
C ILE A 317 10.63 -0.59 11.31
N ARG A 318 9.99 0.42 10.73
CA ARG A 318 9.93 0.42 9.27
C ARG A 318 11.29 0.62 8.65
N SER A 319 12.13 1.46 9.23
N SER A 319 12.14 1.47 9.24
N SER A 319 12.13 1.48 9.23
CA SER A 319 13.45 1.67 8.63
CA SER A 319 13.45 1.69 8.69
CA SER A 319 13.46 1.69 8.68
C SER A 319 14.30 0.41 8.75
C SER A 319 14.28 0.41 8.74
C SER A 319 14.28 0.41 8.75
N GLU A 320 14.17 -0.32 9.86
CA GLU A 320 14.94 -1.56 9.98
C GLU A 320 14.42 -2.64 9.03
N LEU A 321 13.09 -2.80 8.88
CA LEU A 321 12.58 -3.80 7.94
C LEU A 321 13.04 -3.46 6.51
N GLU A 322 12.99 -2.19 6.15
N GLU A 322 13.00 -2.19 6.14
CA GLU A 322 13.48 -1.77 4.84
CA GLU A 322 13.48 -1.81 4.81
C GLU A 322 14.97 -2.11 4.66
C GLU A 322 14.98 -2.13 4.66
N ARG A 323 15.76 -1.90 5.71
CA ARG A 323 17.20 -2.19 5.65
C ARG A 323 17.45 -3.68 5.46
N VAL A 324 16.66 -4.53 6.13
CA VAL A 324 16.81 -5.97 5.97
C VAL A 324 16.51 -6.37 4.54
N VAL A 325 15.41 -5.84 3.98
CA VAL A 325 15.06 -6.15 2.60
C VAL A 325 16.20 -5.75 1.66
N THR A 326 16.69 -4.53 1.82
CA THR A 326 17.50 -3.87 0.80
C THR A 326 18.97 -4.21 0.95
N SER A 327 19.52 -4.06 2.17
N SER A 327 19.53 -4.00 2.16
CA SER A 327 20.94 -4.18 2.43
CA SER A 327 20.94 -4.23 2.38
C SER A 327 21.33 -5.61 2.82
C SER A 327 21.20 -5.70 2.65
N ASP A 328 20.54 -6.27 3.67
CA ASP A 328 20.86 -7.64 4.04
C ASP A 328 20.54 -8.60 2.91
N PHE A 329 19.41 -8.39 2.21
CA PHE A 329 18.95 -9.36 1.22
C PHE A 329 18.91 -8.84 -0.21
N GLU A 330 19.37 -7.63 -0.47
CA GLU A 330 19.56 -7.14 -1.84
C GLU A 330 18.27 -7.06 -2.63
N GLY A 331 17.14 -7.01 -1.93
CA GLY A 331 15.83 -6.88 -2.54
C GLY A 331 15.41 -5.43 -2.66
N ARG A 332 14.14 -5.23 -3.03
CA ARG A 332 13.63 -3.89 -3.30
C ARG A 332 12.37 -3.61 -2.49
N ARG A 333 12.39 -2.55 -1.71
CA ARG A 333 11.20 -2.05 -1.05
C ARG A 333 10.42 -1.24 -2.07
N VAL A 334 9.18 -1.65 -2.34
CA VAL A 334 8.37 -0.94 -3.32
C VAL A 334 7.73 0.27 -2.70
N ARG A 335 7.07 0.09 -1.55
CA ARG A 335 6.37 1.15 -0.86
C ARG A 335 6.05 0.66 0.55
N PHE A 336 5.60 1.60 1.37
CA PHE A 336 4.85 1.29 2.59
C PHE A 336 3.40 1.62 2.30
N ILE A 337 2.50 0.73 2.71
N ILE A 337 2.50 0.69 2.63
CA ILE A 337 1.08 0.94 2.56
CA ILE A 337 1.05 0.91 2.60
C ILE A 337 0.54 0.99 3.99
C ILE A 337 0.63 1.02 4.05
N GLY A 338 0.26 2.21 4.47
CA GLY A 338 0.17 2.42 5.89
C GLY A 338 1.46 1.94 6.53
N ASP A 339 1.35 1.08 7.54
CA ASP A 339 2.51 0.52 8.24
C ASP A 339 3.14 -0.67 7.52
N CYS A 340 2.51 -1.22 6.49
CA CYS A 340 2.96 -2.48 5.91
C CYS A 340 4.01 -2.26 4.84
N VAL A 341 5.01 -3.13 4.82
CA VAL A 341 6.08 -3.10 3.84
C VAL A 341 5.73 -3.98 2.65
N GLN A 342 5.79 -3.41 1.45
CA GLN A 342 5.65 -4.17 0.20
C GLN A 342 7.03 -4.29 -0.43
N ALA A 343 7.47 -5.52 -0.69
CA ALA A 343 8.84 -5.77 -1.12
C ALA A 343 8.89 -6.79 -2.24
N LEU A 344 10.04 -6.83 -2.91
CA LEU A 344 10.37 -7.78 -3.97
C LEU A 344 11.72 -8.42 -3.68
N SER A 345 11.86 -9.70 -4.03
CA SER A 345 13.10 -10.43 -3.87
C SER A 345 13.28 -11.35 -5.07
N CYS A 346 14.54 -11.53 -5.51
CA CYS A 346 14.80 -12.36 -6.67
C CYS A 346 16.19 -12.96 -6.61
N ASP A 347 16.35 -14.14 -7.21
CA ASP A 347 17.64 -14.79 -7.39
C ASP A 347 17.69 -15.37 -8.80
N GLY A 348 18.88 -15.35 -9.36
CA GLY A 348 19.08 -15.87 -10.70
C GLY A 348 20.21 -15.12 -11.38
N THR A 349 20.13 -15.07 -12.69
CA THR A 349 21.15 -14.41 -13.50
C THR A 349 20.55 -13.16 -14.11
N ALA A 350 21.33 -12.48 -14.93
CA ALA A 350 20.80 -11.35 -15.68
C ALA A 350 19.72 -11.78 -16.69
N HIS A 351 19.64 -13.07 -17.02
CA HIS A 351 18.73 -13.54 -18.06
C HIS A 351 17.58 -14.39 -17.57
N THR A 352 17.66 -14.98 -16.39
N THR A 352 17.68 -15.02 -16.40
CA THR A 352 16.63 -15.91 -15.96
CA THR A 352 16.65 -15.96 -15.97
C THR A 352 16.54 -15.95 -14.45
C THR A 352 16.53 -15.92 -14.45
N THR A 353 15.33 -16.22 -13.95
CA THR A 353 15.10 -16.36 -12.51
C THR A 353 15.30 -17.80 -12.10
N ASP A 354 16.04 -18.01 -11.01
CA ASP A 354 16.17 -19.31 -10.36
C ASP A 354 15.01 -19.38 -9.36
N GLU A 355 13.96 -20.12 -9.75
CA GLU A 355 12.75 -20.12 -8.93
C GLU A 355 12.98 -20.74 -7.56
N GLU A 356 13.59 -21.93 -7.52
CA GLU A 356 13.80 -22.60 -6.24
C GLU A 356 14.65 -21.74 -5.32
N LYS A 357 15.76 -21.20 -5.84
CA LYS A 357 16.61 -20.37 -5.01
C LYS A 357 15.89 -19.11 -4.57
N SER A 358 15.11 -18.49 -5.46
CA SER A 358 14.37 -17.28 -5.08
C SER A 358 13.46 -17.54 -3.89
N VAL A 359 12.79 -18.70 -3.88
CA VAL A 359 11.89 -19.02 -2.79
C VAL A 359 12.67 -19.32 -1.50
N SER A 360 13.80 -20.01 -1.60
CA SER A 360 14.61 -20.26 -0.41
C SER A 360 15.09 -18.97 0.20
N GLU A 361 15.59 -18.06 -0.64
N GLU A 361 15.60 -18.06 -0.64
CA GLU A 361 16.11 -16.81 -0.12
CA GLU A 361 16.10 -16.80 -0.14
C GLU A 361 14.99 -15.91 0.41
C GLU A 361 14.98 -15.94 0.42
N ALA A 362 13.79 -16.01 -0.17
CA ALA A 362 12.67 -15.27 0.39
C ALA A 362 12.28 -15.80 1.76
N THR A 363 12.38 -17.13 1.95
CA THR A 363 12.14 -17.74 3.25
C THR A 363 13.12 -17.23 4.28
N ARG A 364 14.40 -17.17 3.91
CA ARG A 364 15.41 -16.62 4.81
C ARG A 364 15.16 -15.15 5.08
N LEU A 365 14.76 -14.38 4.05
CA LEU A 365 14.39 -12.98 4.25
C LEU A 365 13.24 -12.84 5.23
N ALA A 366 12.22 -13.68 5.09
CA ALA A 366 11.11 -13.63 6.02
C ALA A 366 11.58 -13.90 7.45
N GLY A 367 12.50 -14.85 7.63
CA GLY A 367 13.03 -15.09 8.95
C GLY A 367 13.80 -13.90 9.48
N ALA A 368 14.66 -13.32 8.63
CA ALA A 368 15.42 -12.13 9.01
C ALA A 368 14.51 -10.97 9.40
N LEU A 369 13.45 -10.72 8.63
CA LEU A 369 12.52 -9.67 8.98
C LEU A 369 11.96 -9.88 10.38
N ARG A 370 11.58 -11.11 10.71
CA ARG A 370 11.01 -11.38 12.02
C ARG A 370 12.05 -11.22 13.12
N SER A 371 13.29 -11.65 12.86
CA SER A 371 14.36 -11.46 13.84
C SER A 371 14.59 -9.98 14.11
N SER A 372 14.64 -9.16 13.05
CA SER A 372 14.82 -7.73 13.23
C SER A 372 13.63 -7.09 13.94
N PHE A 373 12.40 -7.52 13.60
CA PHE A 373 11.22 -7.00 14.28
C PHE A 373 11.31 -7.30 15.77
N ASN A 374 11.59 -8.55 16.10
CA ASN A 374 11.64 -8.96 17.49
C ASN A 374 12.69 -8.14 18.24
N LEU A 375 13.85 -7.95 17.62
CA LEU A 375 14.91 -7.18 18.24
C LEU A 375 14.51 -5.72 18.39
N ALA A 376 13.84 -5.15 17.38
CA ALA A 376 13.41 -3.76 17.48
C ALA A 376 12.44 -3.55 18.65
N ILE A 377 11.47 -4.45 18.82
CA ILE A 377 10.57 -4.39 19.97
C ILE A 377 11.35 -4.43 21.27
N GLU A 378 12.30 -5.36 21.38
N GLU A 378 12.30 -5.35 21.37
CA GLU A 378 13.11 -5.45 22.59
CA GLU A 378 13.13 -5.47 22.57
C GLU A 378 13.83 -4.13 22.89
C GLU A 378 13.86 -4.17 22.87
N ARG A 379 14.48 -3.55 21.88
N ARG A 379 14.49 -3.57 21.86
CA ARG A 379 15.28 -2.35 22.09
CA ARG A 379 15.28 -2.36 22.09
C ARG A 379 14.41 -1.14 22.35
C ARG A 379 14.40 -1.16 22.37
N LEU A 380 13.28 -1.02 21.64
CA LEU A 380 12.32 0.03 21.93
C LEU A 380 11.88 -0.02 23.38
N ASN A 381 11.48 -1.21 23.85
CA ASN A 381 10.97 -1.34 25.22
C ASN A 381 12.09 -1.04 26.22
N ALA A 382 13.31 -1.48 25.94
CA ALA A 382 14.43 -1.21 26.85
C ALA A 382 14.69 0.28 27.00
N GLU A 383 14.32 1.06 25.99
N GLU A 383 14.33 1.07 25.99
CA GLU A 383 14.43 2.51 26.04
CA GLU A 383 14.45 2.52 26.08
C GLU A 383 13.23 3.17 26.71
C GLU A 383 13.17 3.19 26.59
N GLY A 384 12.22 2.40 27.09
CA GLY A 384 11.04 2.97 27.69
C GLY A 384 9.97 3.39 26.71
N ILE A 385 10.04 2.93 25.48
CA ILE A 385 9.05 3.26 24.46
C ILE A 385 7.99 2.18 24.45
N GLU A 386 6.73 2.59 24.61
CA GLU A 386 5.59 1.66 24.63
C GLU A 386 5.31 1.16 23.23
N THR A 387 5.17 -0.17 23.08
CA THR A 387 4.88 -0.78 21.78
C THR A 387 3.65 -1.67 21.81
N GLY A 388 2.83 -1.60 22.85
CA GLY A 388 1.56 -2.32 22.84
C GLY A 388 1.71 -3.79 22.54
N ASP A 389 0.84 -4.28 21.67
CA ASP A 389 0.68 -5.68 21.35
C ASP A 389 1.06 -5.97 19.90
N LEU A 390 2.11 -5.34 19.41
CA LEU A 390 2.43 -5.44 17.99
C LEU A 390 3.01 -6.80 17.63
N GLY A 391 2.74 -7.21 16.40
CA GLY A 391 3.34 -8.40 15.82
C GLY A 391 3.70 -8.14 14.37
N LEU A 392 4.09 -9.19 13.67
CA LEU A 392 4.52 -9.08 12.27
C LEU A 392 3.95 -10.25 11.50
N ALA A 393 3.08 -9.97 10.54
CA ALA A 393 2.49 -10.97 9.66
C ALA A 393 3.17 -10.88 8.30
N ILE A 394 3.67 -12.01 7.79
CA ILE A 394 4.44 -12.00 6.54
C ILE A 394 3.83 -12.99 5.56
N GLY A 395 3.64 -12.54 4.32
CA GLY A 395 3.24 -13.44 3.26
C GLY A 395 4.05 -13.20 2.01
N PHE A 396 4.29 -14.29 1.25
CA PHE A 396 5.07 -14.13 0.04
C PHE A 396 4.65 -15.16 -1.01
N ASP A 397 4.82 -14.81 -2.29
CA ASP A 397 4.50 -15.71 -3.39
C ASP A 397 5.40 -15.36 -4.56
N LEU A 398 5.46 -16.27 -5.53
CA LEU A 398 6.32 -16.22 -6.70
C LEU A 398 5.50 -16.11 -7.97
N GLY A 399 5.94 -15.27 -8.89
CA GLY A 399 5.31 -15.18 -10.20
C GLY A 399 5.91 -14.05 -11.00
N PRO A 400 5.52 -13.91 -12.26
CA PRO A 400 5.95 -12.74 -13.04
C PRO A 400 5.35 -11.47 -12.46
N ILE A 401 6.21 -10.46 -12.26
CA ILE A 401 5.79 -9.18 -11.69
C ILE A 401 6.35 -8.06 -12.56
N ALA A 402 5.49 -7.10 -12.90
CA ALA A 402 5.86 -5.93 -13.67
C ALA A 402 5.86 -4.71 -12.76
N VAL A 403 6.86 -3.85 -12.95
CA VAL A 403 7.00 -2.61 -12.19
C VAL A 403 7.13 -1.45 -13.17
N THR A 404 6.36 -0.39 -12.93
CA THR A 404 6.41 0.79 -13.80
C THR A 404 5.91 1.98 -12.99
N ARG A 405 5.79 3.14 -13.64
CA ARG A 405 5.05 4.28 -13.09
C ARG A 405 3.94 4.67 -14.06
N LEU A 406 2.70 4.66 -13.56
CA LEU A 406 1.50 4.98 -14.30
C LEU A 406 1.28 6.49 -14.27
N GLY A 407 0.54 7.00 -15.25
CA GLY A 407 0.02 8.34 -15.16
C GLY A 407 0.73 9.33 -16.09
N ALA A 408 0.11 10.49 -16.19
CA ALA A 408 0.66 11.59 -16.95
C ALA A 408 1.75 12.31 -16.16
N LYS A 409 2.65 12.99 -16.89
CA LYS A 409 3.77 13.68 -16.24
C LYS A 409 3.28 14.62 -15.15
N GLY A 410 3.97 14.60 -14.02
CA GLY A 410 3.58 15.39 -12.87
C GLY A 410 2.46 14.81 -12.06
N ASN A 411 1.90 13.68 -12.49
CA ASN A 411 0.78 13.05 -11.84
C ASN A 411 0.93 11.54 -11.94
N ARG A 412 2.15 11.05 -11.69
CA ARG A 412 2.42 9.63 -11.80
C ARG A 412 2.38 8.95 -10.43
N VAL A 413 2.38 7.61 -10.47
CA VAL A 413 2.42 6.78 -9.28
C VAL A 413 3.06 5.44 -9.65
N ARG A 414 3.89 4.91 -8.76
CA ARG A 414 4.50 3.61 -9.03
C ARG A 414 3.48 2.47 -8.89
N CYS A 415 3.73 1.41 -9.66
CA CYS A 415 2.86 0.24 -9.75
C CYS A 415 3.73 -1.00 -9.84
N ALA A 416 3.51 -1.96 -8.95
CA ALA A 416 4.09 -3.30 -9.04
C ALA A 416 2.91 -4.26 -9.06
N ILE A 417 2.80 -5.07 -10.10
CA ILE A 417 1.60 -5.87 -10.25
C ILE A 417 1.89 -7.25 -10.80
N GLY A 418 1.07 -8.19 -10.39
CA GLY A 418 1.10 -9.58 -10.81
C GLY A 418 0.21 -10.40 -9.92
N ARG A 419 -0.20 -11.58 -10.41
CA ARG A 419 -0.97 -12.46 -9.56
C ARG A 419 -0.28 -12.72 -8.24
N SER A 420 1.05 -12.84 -8.26
CA SER A 420 1.80 -13.15 -7.05
C SER A 420 1.83 -11.99 -6.07
N VAL A 421 1.70 -10.75 -6.56
CA VAL A 421 1.56 -9.61 -5.66
C VAL A 421 0.26 -9.74 -4.88
N ILE A 422 -0.86 -9.87 -5.61
CA ILE A 422 -2.18 -10.02 -5.01
C ILE A 422 -2.21 -11.19 -4.04
N GLU A 423 -1.66 -12.33 -4.46
CA GLU A 423 -1.72 -13.53 -3.63
C GLU A 423 -0.80 -13.44 -2.41
N SER A 424 0.39 -12.83 -2.55
CA SER A 424 1.26 -12.67 -1.38
C SER A 424 0.56 -11.89 -0.29
N GLU A 425 -0.21 -10.87 -0.67
CA GLU A 425 -0.97 -10.10 0.31
C GLU A 425 -2.06 -10.96 0.96
N LYS A 426 -2.75 -11.77 0.19
CA LYS A 426 -3.78 -12.64 0.78
C LYS A 426 -3.17 -13.63 1.76
N ARG A 427 -1.99 -14.16 1.43
CA ARG A 427 -1.30 -15.06 2.35
C ARG A 427 -0.88 -14.32 3.61
N GLN A 428 -0.38 -13.10 3.47
CA GLN A 428 -0.04 -12.28 4.64
C GLN A 428 -1.25 -12.09 5.53
N CYS A 429 -2.42 -11.78 4.93
CA CYS A 429 -3.62 -11.48 5.71
CA CYS A 429 -3.62 -11.49 5.70
C CYS A 429 -4.13 -12.70 6.47
N ALA A 430 -3.74 -13.90 6.07
CA ALA A 430 -4.13 -15.12 6.77
C ALA A 430 -3.29 -15.38 8.01
N CYS A 431 -2.30 -14.53 8.28
CA CYS A 431 -1.36 -14.76 9.36
C CYS A 431 -1.68 -13.95 10.62
N SER A 432 -1.47 -14.59 11.77
CA SER A 432 -1.38 -13.85 13.02
C SER A 432 -0.05 -13.10 13.06
N GLY A 433 0.14 -12.36 14.13
CA GLY A 433 1.36 -11.60 14.34
C GLY A 433 2.61 -12.41 14.62
N VAL A 434 2.53 -13.74 14.68
CA VAL A 434 3.72 -14.58 14.75
C VAL A 434 3.88 -15.47 13.52
N GLU A 435 3.02 -15.31 12.49
CA GLU A 435 2.97 -16.25 11.40
C GLU A 435 3.50 -15.69 10.07
N THR A 436 4.04 -16.62 9.28
CA THR A 436 4.55 -16.38 7.94
C THR A 436 3.93 -17.41 7.01
N ALA A 437 3.38 -16.96 5.89
CA ALA A 437 2.68 -17.82 4.96
C ALA A 437 3.25 -17.71 3.56
N ILE A 438 3.17 -18.82 2.84
CA ILE A 438 3.67 -18.94 1.47
C ILE A 438 2.52 -19.24 0.49
N GLY A 439 2.60 -18.64 -0.70
CA GLY A 439 1.65 -18.92 -1.76
C GLY A 439 1.88 -20.28 -2.39
N GLN A 440 0.83 -20.79 -3.05
CA GLN A 440 0.91 -22.10 -3.68
C GLN A 440 1.96 -22.15 -4.78
N VAL A 441 2.06 -21.09 -5.60
CA VAL A 441 3.02 -21.10 -6.71
C VAL A 441 4.45 -21.16 -6.16
N ALA A 442 4.73 -20.33 -5.15
CA ALA A 442 6.06 -20.40 -4.51
C ALA A 442 6.30 -21.77 -3.90
N TYR A 443 5.31 -22.30 -3.17
CA TYR A 443 5.46 -23.62 -2.56
C TYR A 443 5.77 -24.67 -3.62
N ASP A 444 5.06 -24.63 -4.75
CA ASP A 444 5.24 -25.67 -5.76
C ASP A 444 6.64 -25.63 -6.38
N ALA A 445 7.26 -24.45 -6.40
CA ALA A 445 8.60 -24.25 -6.95
C ALA A 445 9.70 -24.46 -5.92
N ALA A 446 9.33 -24.73 -4.67
CA ALA A 446 10.26 -24.69 -3.56
C ALA A 446 11.00 -26.01 -3.38
N SER A 447 12.11 -25.92 -2.67
CA SER A 447 12.83 -27.11 -2.24
C SER A 447 12.00 -27.93 -1.27
N LYS A 448 12.41 -29.20 -1.11
CA LYS A 448 11.76 -30.06 -0.13
C LYS A 448 11.86 -29.45 1.26
N ALA A 449 13.01 -28.84 1.59
CA ALA A 449 13.17 -28.25 2.91
C ALA A 449 12.15 -27.12 3.15
N VAL A 450 11.92 -26.27 2.15
CA VAL A 450 10.94 -25.20 2.30
C VAL A 450 9.54 -25.80 2.38
N GLN A 451 9.25 -26.79 1.54
CA GLN A 451 7.94 -27.44 1.59
C GLN A 451 7.69 -28.05 2.97
N ASN A 452 8.69 -28.70 3.55
CA ASN A 452 8.51 -29.32 4.86
C ASN A 452 8.27 -28.26 5.93
N LEU A 453 8.96 -27.13 5.82
CA LEU A 453 8.83 -26.06 6.81
C LEU A 453 7.40 -25.53 6.84
N PHE A 454 6.84 -25.21 5.67
CA PHE A 454 5.51 -24.60 5.61
C PHE A 454 4.39 -25.65 5.70
N GLY A 455 4.64 -26.88 5.26
CA GLY A 455 3.71 -27.97 5.42
C GLY A 455 2.39 -27.81 4.69
N LYS A 456 1.43 -28.64 5.10
CA LYS A 456 0.13 -28.68 4.46
C LYS A 456 -0.59 -27.34 4.56
N SER A 457 -0.38 -26.60 5.64
CA SER A 457 -1.09 -25.34 5.82
C SER A 457 -0.45 -24.18 5.04
N ARG A 458 0.73 -24.38 4.48
N ARG A 458 0.73 -24.39 4.47
CA ARG A 458 1.46 -23.31 3.78
CA ARG A 458 1.47 -23.32 3.78
C ARG A 458 1.69 -22.10 4.69
C ARG A 458 1.67 -22.10 4.69
N LYS A 459 1.94 -22.38 5.97
CA LYS A 459 2.06 -21.33 6.97
C LYS A 459 2.78 -21.92 8.16
N THR A 460 3.56 -21.06 8.85
CA THR A 460 4.26 -21.51 10.05
C THR A 460 4.34 -20.34 11.03
N SER A 461 4.69 -20.65 12.29
N SER A 461 4.70 -20.66 12.28
CA SER A 461 4.80 -19.64 13.33
CA SER A 461 4.81 -19.68 13.36
C SER A 461 6.22 -19.58 13.86
C SER A 461 6.24 -19.59 13.85
N HIS A 462 6.57 -18.42 14.41
CA HIS A 462 7.87 -18.18 15.02
C HIS A 462 9.04 -18.48 14.10
N LEU A 463 8.88 -18.20 12.82
CA LEU A 463 9.96 -18.39 11.83
C LEU A 463 10.89 -17.18 11.87
N ASP A 464 11.89 -17.24 12.75
CA ASP A 464 12.93 -16.23 12.77
C ASP A 464 14.10 -16.71 11.92
N TYR A 465 15.16 -15.90 11.88
CA TYR A 465 16.29 -16.21 11.01
C TYR A 465 16.98 -17.51 11.43
N ASN A 466 17.16 -17.71 12.74
CA ASN A 466 17.76 -18.95 13.21
CA ASN A 466 17.76 -18.95 13.21
C ASN A 466 16.91 -20.15 12.80
N GLU A 467 15.60 -20.05 12.93
CA GLU A 467 14.73 -21.16 12.54
C GLU A 467 14.82 -21.42 11.03
N ALA A 468 14.82 -20.34 10.23
CA ALA A 468 14.94 -20.51 8.79
C ALA A 468 16.25 -21.16 8.42
N THR A 469 17.35 -20.71 9.04
CA THR A 469 18.65 -21.31 8.78
C THR A 469 18.65 -22.79 9.09
N GLU A 470 18.09 -23.18 10.23
CA GLU A 470 18.12 -24.58 10.62
C GLU A 470 17.19 -25.41 9.74
N ALA A 471 16.05 -24.84 9.34
CA ALA A 471 15.12 -25.57 8.49
C ALA A 471 15.70 -25.81 7.11
N LEU A 472 16.53 -24.90 6.62
CA LEU A 472 17.06 -24.97 5.26
C LEU A 472 18.48 -25.49 5.22
N ALA A 473 18.96 -26.09 6.31
CA ALA A 473 20.31 -26.63 6.34
C ALA A 473 20.37 -27.89 5.47
#